data_4P4G
#
_entry.id   4P4G
#
_cell.length_a   43.467
_cell.length_b   75.553
_cell.length_c   129.708
_cell.angle_alpha   90.000
_cell.angle_beta   90.000
_cell.angle_gamma   90.000
#
_symmetry.space_group_name_H-M   'P 21 21 21'
#
loop_
_entity.id
_entity.type
_entity.pdbx_description
1 polymer 'Shikimate 5-dehydrogenase AroE (5-dehydroshikimate reductase)'
2 non-polymer '(3R,4S,5R)-3,4,5-TRIHYDROXYCYCLOHEX-1-ENE-1-CARBOXYLIC ACID'
3 non-polymer 'BROMIDE ION'
4 non-polymer 'SULFATE ION'
5 water water
#
_entity_poly.entity_id   1
_entity_poly.type   'polypeptide(L)'
_entity_poly.pdbx_seq_one_letter_code
;MSEGPKKAGVLGSPIAHSRSPQLHLAAYRALGLHDWTYERIECGAAELPVVVGGFGPEWVGVSVTMPGKFAALRFADERT
ARADLVGSANTLVRTPHGWRADNTDIDGVAGALGAAAGHALVLGSGGTAPAAVVGLAELGVTDITVVARNSDKAARLVDL
GTRVGVATRFCAFDSGGLADAVAAAEVLVSTIPAEVAAGYAGTLAAIPVLLDAIYDPWPTPLAAAVGSAGGRVISGLQML
LHQAFAQVEQFTGLPAPREAMTCALAALDLDHHHHHH
;
_entity_poly.pdbx_strand_id   A,B
#
loop_
_chem_comp.id
_chem_comp.type
_chem_comp.name
_chem_comp.formula
BR non-polymer 'BROMIDE ION' 'Br -1'
SKM non-polymer '(3R,4S,5R)-3,4,5-TRIHYDROXYCYCLOHEX-1-ENE-1-CARBOXYLIC ACID' 'C7 H10 O5'
SO4 non-polymer 'SULFATE ION' 'O4 S -2'
#
# COMPACT_ATOMS: atom_id res chain seq x y z
N PRO A 5 -26.65 -3.00 -21.14
CA PRO A 5 -25.63 -2.29 -21.92
C PRO A 5 -24.51 -1.79 -21.03
N LYS A 6 -23.39 -2.51 -21.02
CA LYS A 6 -22.29 -2.23 -20.10
C LYS A 6 -21.03 -1.80 -20.83
N LYS A 7 -20.10 -1.23 -20.07
CA LYS A 7 -18.85 -0.73 -20.62
C LYS A 7 -17.67 -1.36 -19.89
N ALA A 8 -16.64 -1.69 -20.66
CA ALA A 8 -15.33 -2.04 -20.09
C ALA A 8 -14.25 -1.46 -20.97
N GLY A 9 -13.00 -1.73 -20.64
CA GLY A 9 -11.92 -1.29 -21.49
C GLY A 9 -10.58 -1.60 -20.89
N VAL A 10 -9.55 -1.03 -21.51
CA VAL A 10 -8.18 -1.23 -21.06
C VAL A 10 -7.49 0.12 -20.89
N LEU A 11 -6.81 0.29 -19.77
CA LEU A 11 -6.14 1.54 -19.39
C LEU A 11 -4.64 1.32 -19.44
N GLY A 12 -3.92 2.22 -20.10
CA GLY A 12 -2.46 2.15 -20.08
C GLY A 12 -1.86 3.26 -20.90
N SER A 13 -0.53 3.29 -20.96
CA SER A 13 0.17 4.26 -21.79
C SER A 13 1.56 3.76 -22.19
N PRO A 14 1.79 3.58 -23.50
CA PRO A 14 0.85 3.75 -24.63
C PRO A 14 -0.21 2.67 -24.63
N ILE A 15 -1.30 2.88 -25.37
CA ILE A 15 -2.41 1.94 -25.33
C ILE A 15 -2.94 1.58 -26.73
N ALA A 16 -2.56 2.35 -27.74
CA ALA A 16 -3.14 2.19 -29.07
C ALA A 16 -2.94 0.78 -29.65
N HIS A 17 -1.84 0.13 -29.26
CA HIS A 17 -1.48 -1.20 -29.75
C HIS A 17 -2.29 -2.34 -29.14
N SER A 18 -3.05 -2.06 -28.07
CA SER A 18 -3.64 -3.15 -27.29
C SER A 18 -4.60 -4.00 -28.12
N ARG A 19 -4.45 -5.32 -28.05
CA ARG A 19 -5.39 -6.24 -28.68
C ARG A 19 -6.42 -6.81 -27.70
N SER A 20 -6.47 -6.26 -26.49
CA SER A 20 -7.53 -6.63 -25.55
C SER A 20 -8.95 -6.45 -26.07
N PRO A 21 -9.25 -5.30 -26.73
CA PRO A 21 -10.63 -5.12 -27.18
C PRO A 21 -11.08 -6.23 -28.13
N GLN A 22 -10.21 -6.64 -29.05
CA GLN A 22 -10.55 -7.70 -29.99
C GLN A 22 -10.99 -8.96 -29.25
N LEU A 23 -10.27 -9.32 -28.19
CA LEU A 23 -10.57 -10.54 -27.44
C LEU A 23 -11.84 -10.41 -26.62
N HIS A 24 -11.99 -9.28 -25.93
CA HIS A 24 -13.16 -9.09 -25.09
C HIS A 24 -14.43 -8.94 -25.92
N LEU A 25 -14.36 -8.18 -27.01
CA LEU A 25 -15.55 -7.99 -27.84
C LEU A 25 -16.00 -9.31 -28.46
N ALA A 26 -15.04 -10.13 -28.89
CA ALA A 26 -15.33 -11.47 -29.36
C ALA A 26 -16.05 -12.29 -28.28
N ALA A 27 -15.55 -12.22 -27.04
CA ALA A 27 -16.16 -12.92 -25.92
C ALA A 27 -17.57 -12.43 -25.66
N TYR A 28 -17.75 -11.11 -25.64
CA TYR A 28 -19.06 -10.55 -25.32
C TYR A 28 -20.09 -10.96 -26.36
N ARG A 29 -19.70 -10.93 -27.64
CA ARG A 29 -20.58 -11.41 -28.69
C ARG A 29 -20.93 -12.91 -28.55
N ALA A 30 -19.94 -13.72 -28.21
CA ALA A 30 -20.17 -15.15 -27.99
C ALA A 30 -21.13 -15.40 -26.82
N LEU A 31 -21.07 -14.53 -25.81
CA LEU A 31 -21.91 -14.67 -24.62
C LEU A 31 -23.29 -14.03 -24.81
N GLY A 32 -23.53 -13.42 -25.97
CA GLY A 32 -24.81 -12.78 -26.22
C GLY A 32 -24.96 -11.41 -25.58
N LEU A 33 -23.84 -10.82 -25.18
CA LEU A 33 -23.82 -9.47 -24.61
C LEU A 33 -23.51 -8.46 -25.73
N HIS A 34 -24.38 -8.40 -26.72
CA HIS A 34 -24.04 -7.74 -27.99
C HIS A 34 -23.86 -6.21 -27.98
N ASP A 35 -24.43 -5.52 -26.99
CA ASP A 35 -24.34 -4.06 -26.93
C ASP A 35 -23.25 -3.58 -25.96
N TRP A 36 -22.50 -4.51 -25.39
CA TRP A 36 -21.38 -4.15 -24.53
C TRP A 36 -20.24 -3.54 -25.35
N THR A 37 -19.55 -2.58 -24.77
CA THR A 37 -18.40 -1.97 -25.43
C THR A 37 -17.09 -2.19 -24.66
N TYR A 38 -15.99 -2.10 -25.38
CA TYR A 38 -14.67 -2.20 -24.78
C TYR A 38 -13.71 -1.29 -25.54
N GLU A 39 -13.20 -0.27 -24.85
CA GLU A 39 -12.37 0.74 -25.52
C GLU A 39 -10.97 0.84 -24.91
N ARG A 40 -10.07 1.45 -25.65
CA ARG A 40 -8.74 1.75 -25.13
C ARG A 40 -8.75 3.16 -24.56
N ILE A 41 -8.16 3.31 -23.36
CA ILE A 41 -8.08 4.60 -22.69
C ILE A 41 -6.63 4.89 -22.34
N GLU A 42 -6.10 5.97 -22.90
CA GLU A 42 -4.73 6.38 -22.63
C GLU A 42 -4.69 6.94 -21.21
N CYS A 43 -3.85 6.35 -20.35
CA CYS A 43 -3.90 6.62 -18.92
C CYS A 43 -2.60 6.22 -18.25
N GLY A 44 -1.92 7.18 -17.64
CA GLY A 44 -0.71 6.91 -16.87
C GLY A 44 -1.03 6.50 -15.44
N ALA A 45 0.00 6.23 -14.64
CA ALA A 45 -0.23 5.73 -13.28
C ALA A 45 -0.89 6.80 -12.41
N ALA A 46 -0.45 8.04 -12.58
CA ALA A 46 -0.92 9.15 -11.75
C ALA A 46 -2.39 9.45 -12.04
N GLU A 47 -2.77 9.27 -13.29
CA GLU A 47 -4.09 9.64 -13.77
C GLU A 47 -5.15 8.57 -13.46
N LEU A 48 -4.71 7.35 -13.17
CA LEU A 48 -5.65 6.24 -13.02
C LEU A 48 -6.82 6.49 -12.02
N PRO A 49 -6.53 6.99 -10.81
CA PRO A 49 -7.65 7.18 -9.87
C PRO A 49 -8.70 8.18 -10.37
N VAL A 50 -8.27 9.23 -11.07
CA VAL A 50 -9.24 10.22 -11.57
C VAL A 50 -10.02 9.67 -12.78
N VAL A 51 -9.33 8.93 -13.64
CA VAL A 51 -10.01 8.28 -14.76
C VAL A 51 -11.06 7.26 -14.27
N VAL A 52 -10.63 6.31 -13.45
CA VAL A 52 -11.54 5.28 -12.97
C VAL A 52 -12.62 5.87 -12.06
N GLY A 53 -12.25 6.85 -11.23
CA GLY A 53 -13.18 7.49 -10.33
C GLY A 53 -14.26 8.26 -11.06
N GLY A 54 -14.03 8.55 -12.34
CA GLY A 54 -14.98 9.28 -13.13
C GLY A 54 -15.99 8.42 -13.86
N PHE A 55 -15.80 7.11 -13.85
CA PHE A 55 -16.68 6.19 -14.58
C PHE A 55 -18.11 6.17 -14.06
N GLY A 56 -19.06 6.09 -14.97
CA GLY A 56 -20.47 5.97 -14.63
C GLY A 56 -20.86 4.56 -14.22
N PRO A 57 -22.15 4.35 -13.90
CA PRO A 57 -22.60 3.09 -13.30
C PRO A 57 -22.67 1.93 -14.31
N GLU A 58 -22.50 2.21 -15.59
CA GLU A 58 -22.52 1.14 -16.58
C GLU A 58 -21.15 0.50 -16.82
N TRP A 59 -20.10 1.03 -16.21
CA TRP A 59 -18.78 0.38 -16.27
C TRP A 59 -18.72 -0.81 -15.33
N VAL A 60 -18.42 -1.99 -15.86
CA VAL A 60 -18.34 -3.19 -15.04
C VAL A 60 -16.91 -3.53 -14.62
N GLY A 61 -15.94 -2.97 -15.34
CA GLY A 61 -14.53 -3.24 -15.05
C GLY A 61 -13.61 -2.68 -16.10
N VAL A 62 -12.31 -2.63 -15.78
CA VAL A 62 -11.29 -2.28 -16.77
C VAL A 62 -10.09 -3.17 -16.58
N SER A 63 -9.42 -3.45 -17.69
CA SER A 63 -8.14 -4.11 -17.68
C SER A 63 -7.10 -3.01 -17.52
N VAL A 64 -5.99 -3.33 -16.86
CA VAL A 64 -4.95 -2.31 -16.63
C VAL A 64 -3.64 -2.86 -17.11
N THR A 65 -2.98 -2.11 -17.99
CA THR A 65 -1.66 -2.50 -18.43
C THR A 65 -0.62 -1.47 -17.95
N MET A 66 0.61 -1.62 -18.42
CA MET A 66 1.67 -0.67 -18.10
C MET A 66 1.25 0.76 -18.44
N PRO A 67 1.55 1.74 -17.56
CA PRO A 67 2.30 1.62 -16.31
C PRO A 67 1.43 1.63 -15.05
N GLY A 68 0.18 1.17 -15.13
CA GLY A 68 -0.74 1.39 -14.03
C GLY A 68 -1.02 0.26 -13.05
N LYS A 69 -0.30 -0.86 -13.13
CA LYS A 69 -0.67 -2.03 -12.31
C LYS A 69 -0.49 -1.86 -10.79
N PHE A 70 0.50 -1.08 -10.37
CA PHE A 70 0.66 -0.78 -8.95
C PHE A 70 -0.41 0.21 -8.50
N ALA A 71 -0.66 1.21 -9.33
CA ALA A 71 -1.69 2.21 -9.04
C ALA A 71 -3.07 1.54 -8.92
N ALA A 72 -3.33 0.56 -9.78
CA ALA A 72 -4.60 -0.15 -9.78
C ALA A 72 -4.83 -0.88 -8.46
N LEU A 73 -3.80 -1.56 -7.96
CA LEU A 73 -3.91 -2.27 -6.69
C LEU A 73 -4.23 -1.29 -5.56
N ARG A 74 -3.53 -0.17 -5.53
CA ARG A 74 -3.74 0.80 -4.46
C ARG A 74 -5.13 1.44 -4.52
N PHE A 75 -5.63 1.63 -5.73
CA PHE A 75 -6.89 2.35 -5.93
C PHE A 75 -8.07 1.55 -5.40
N ALA A 76 -8.04 0.24 -5.61
CA ALA A 76 -9.13 -0.64 -5.20
C ALA A 76 -9.30 -0.69 -3.69
N ASP A 77 -10.54 -0.75 -3.24
CA ASP A 77 -10.79 -0.86 -1.80
C ASP A 77 -10.89 -2.31 -1.33
N GLU A 78 -11.06 -3.25 -2.26
CA GLU A 78 -10.99 -4.68 -1.96
C GLU A 78 -9.98 -5.27 -2.93
N ARG A 79 -9.28 -6.32 -2.51
CA ARG A 79 -8.37 -7.02 -3.40
C ARG A 79 -8.53 -8.53 -3.26
N THR A 80 -8.39 -9.25 -4.37
CA THR A 80 -8.40 -10.71 -4.31
C THR A 80 -7.13 -11.19 -3.60
N ALA A 81 -7.15 -12.43 -3.12
CA ALA A 81 -5.99 -13.01 -2.45
C ALA A 81 -4.78 -12.97 -3.36
N ARG A 82 -4.96 -13.26 -4.64
CA ARG A 82 -3.84 -13.32 -5.56
C ARG A 82 -3.27 -11.93 -5.87
N ALA A 83 -4.13 -10.91 -5.97
CA ALA A 83 -3.64 -9.54 -6.13
C ALA A 83 -2.84 -9.12 -4.90
N ASP A 84 -3.34 -9.45 -3.72
CA ASP A 84 -2.64 -9.14 -2.48
C ASP A 84 -1.28 -9.84 -2.40
N LEU A 85 -1.19 -11.02 -3.00
CA LEU A 85 0.04 -11.79 -3.00
C LEU A 85 1.07 -11.21 -3.98
N VAL A 86 0.62 -10.95 -5.21
CA VAL A 86 1.47 -10.42 -6.27
C VAL A 86 1.93 -9.00 -5.98
N GLY A 87 1.01 -8.15 -5.51
CA GLY A 87 1.39 -6.77 -5.24
C GLY A 87 1.15 -5.83 -6.40
N SER A 88 0.44 -6.31 -7.43
CA SER A 88 0.00 -5.45 -8.52
C SER A 88 -1.28 -6.03 -9.06
N ALA A 89 -2.00 -5.25 -9.84
CA ALA A 89 -3.29 -5.66 -10.35
C ALA A 89 -3.44 -5.26 -11.80
N ASN A 90 -3.88 -6.18 -12.63
CA ASN A 90 -4.13 -5.84 -14.03
C ASN A 90 -5.63 -5.79 -14.33
N THR A 91 -6.44 -5.84 -13.27
CA THR A 91 -7.89 -5.92 -13.43
C THR A 91 -8.57 -5.17 -12.31
N LEU A 92 -9.51 -4.29 -12.65
CA LEU A 92 -10.39 -3.69 -11.66
C LEU A 92 -11.82 -4.07 -11.99
N VAL A 93 -12.55 -4.54 -10.99
CA VAL A 93 -13.92 -5.02 -11.16
C VAL A 93 -14.86 -4.19 -10.30
N ARG A 94 -15.92 -3.68 -10.91
CA ARG A 94 -16.87 -2.85 -10.17
C ARG A 94 -17.64 -3.72 -9.18
N THR A 95 -17.79 -3.23 -7.95
CA THR A 95 -18.58 -3.92 -6.93
C THR A 95 -19.75 -2.99 -6.53
N PRO A 96 -20.68 -3.47 -5.69
CA PRO A 96 -21.80 -2.57 -5.33
C PRO A 96 -21.40 -1.22 -4.74
N HIS A 97 -20.26 -1.14 -4.05
CA HIS A 97 -19.88 0.09 -3.37
C HIS A 97 -18.44 0.53 -3.66
N GLY A 98 -17.84 -0.01 -4.70
CA GLY A 98 -16.48 0.34 -5.03
C GLY A 98 -15.87 -0.55 -6.09
N TRP A 99 -14.59 -0.89 -5.93
CA TRP A 99 -13.86 -1.62 -6.95
C TRP A 99 -13.01 -2.70 -6.29
N ARG A 100 -12.87 -3.84 -6.97
CA ARG A 100 -11.99 -4.91 -6.51
C ARG A 100 -10.83 -5.11 -7.48
N ALA A 101 -9.62 -5.21 -6.94
CA ALA A 101 -8.44 -5.47 -7.75
C ALA A 101 -8.18 -6.97 -7.84
N ASP A 102 -7.90 -7.45 -9.03
CA ASP A 102 -7.45 -8.82 -9.21
C ASP A 102 -6.21 -8.83 -10.09
N ASN A 103 -5.49 -9.94 -10.07
CA ASN A 103 -4.39 -10.12 -10.98
C ASN A 103 -4.58 -11.39 -11.78
N THR A 104 -4.86 -11.26 -13.07
CA THR A 104 -4.99 -12.41 -13.95
C THR A 104 -3.75 -12.69 -14.79
N ASP A 105 -2.69 -11.90 -14.63
CA ASP A 105 -1.42 -12.15 -15.35
C ASP A 105 -0.76 -13.45 -14.85
N ILE A 106 -1.10 -13.86 -13.64
CA ILE A 106 -0.63 -15.16 -13.13
C ILE A 106 -1.15 -16.26 -14.06
N ASP A 107 -2.45 -16.22 -14.36
CA ASP A 107 -3.05 -17.14 -15.34
C ASP A 107 -2.40 -17.01 -16.71
N GLY A 108 -2.08 -15.77 -17.09
CA GLY A 108 -1.43 -15.50 -18.35
C GLY A 108 -0.14 -16.26 -18.48
N VAL A 109 0.67 -16.20 -17.43
CA VAL A 109 1.97 -16.87 -17.44
C VAL A 109 1.79 -18.38 -17.38
N ALA A 110 1.02 -18.86 -16.42
CA ALA A 110 0.81 -20.29 -16.25
C ALA A 110 0.18 -20.93 -17.47
N GLY A 111 -0.83 -20.26 -18.04
CA GLY A 111 -1.54 -20.79 -19.19
C GLY A 111 -0.73 -20.78 -20.47
N ALA A 112 0.05 -19.72 -20.68
CA ALA A 112 0.87 -19.61 -21.88
C ALA A 112 1.98 -20.64 -21.89
N LEU A 113 2.60 -20.86 -20.72
CA LEU A 113 3.68 -21.83 -20.61
C LEU A 113 3.20 -23.28 -20.61
N GLY A 114 2.10 -23.56 -19.93
CA GLY A 114 1.54 -24.90 -19.89
C GLY A 114 2.16 -25.76 -18.80
N ALA A 115 3.48 -25.83 -18.79
CA ALA A 115 4.23 -26.57 -17.77
C ALA A 115 5.62 -25.98 -17.61
N ALA A 116 6.18 -26.13 -16.41
CA ALA A 116 7.55 -25.72 -16.09
C ALA A 116 7.89 -26.36 -14.76
N ALA A 117 9.12 -26.85 -14.60
CA ALA A 117 9.42 -27.66 -13.41
C ALA A 117 10.83 -27.51 -12.87
N GLY A 118 11.65 -26.71 -13.54
CA GLY A 118 13.06 -26.62 -13.18
C GLY A 118 13.50 -25.22 -12.81
N HIS A 119 14.64 -24.80 -13.34
CA HIS A 119 15.17 -23.48 -13.04
C HIS A 119 14.57 -22.48 -14.01
N ALA A 120 14.19 -21.30 -13.50
CA ALA A 120 13.56 -20.28 -14.35
C ALA A 120 14.26 -18.94 -14.18
N LEU A 121 14.08 -18.09 -15.17
CA LEU A 121 14.61 -16.73 -15.15
C LEU A 121 13.45 -15.77 -15.40
N VAL A 122 13.42 -14.66 -14.67
CA VAL A 122 12.42 -13.63 -14.91
C VAL A 122 13.17 -12.34 -15.15
N LEU A 123 12.88 -11.68 -16.26
CA LEU A 123 13.48 -10.38 -16.52
C LEU A 123 12.55 -9.24 -16.18
N GLY A 124 13.05 -8.31 -15.37
CA GLY A 124 12.32 -7.10 -15.07
C GLY A 124 11.85 -7.01 -13.63
N SER A 125 11.40 -5.82 -13.23
CA SER A 125 10.84 -5.64 -11.89
C SER A 125 9.62 -4.72 -11.94
N GLY A 126 8.99 -4.63 -13.11
CA GLY A 126 7.77 -3.86 -13.27
C GLY A 126 6.54 -4.60 -12.79
N GLY A 127 5.36 -4.11 -13.17
CA GLY A 127 4.13 -4.65 -12.64
C GLY A 127 3.76 -6.06 -13.06
N THR A 128 4.37 -6.56 -14.13
CA THR A 128 4.10 -7.91 -14.61
C THR A 128 5.10 -8.90 -13.99
N ALA A 129 6.26 -8.40 -13.56
CA ALA A 129 7.27 -9.29 -12.98
C ALA A 129 6.82 -10.14 -11.78
N PRO A 130 6.10 -9.55 -10.81
CA PRO A 130 5.69 -10.43 -9.70
C PRO A 130 4.66 -11.47 -10.12
N ALA A 131 3.82 -11.16 -11.12
CA ALA A 131 2.92 -12.16 -11.66
C ALA A 131 3.67 -13.30 -12.32
N ALA A 132 4.79 -12.98 -12.98
CA ALA A 132 5.63 -14.03 -13.55
C ALA A 132 6.20 -14.93 -12.45
N VAL A 133 6.62 -14.33 -11.34
CA VAL A 133 7.15 -15.10 -10.22
C VAL A 133 6.12 -16.07 -9.66
N VAL A 134 4.92 -15.57 -9.38
CA VAL A 134 3.85 -16.39 -8.81
C VAL A 134 3.34 -17.43 -9.81
N GLY A 135 3.18 -17.05 -11.06
CA GLY A 135 2.78 -17.99 -12.11
C GLY A 135 3.77 -19.14 -12.27
N LEU A 136 5.06 -18.82 -12.27
CA LEU A 136 6.09 -19.87 -12.30
C LEU A 136 6.02 -20.76 -11.07
N ALA A 137 5.85 -20.16 -9.90
CA ALA A 137 5.69 -20.94 -8.66
C ALA A 137 4.49 -21.89 -8.74
N GLU A 138 3.37 -21.41 -9.31
CA GLU A 138 2.18 -22.24 -9.46
C GLU A 138 2.45 -23.45 -10.35
N LEU A 139 3.27 -23.24 -11.38
CA LEU A 139 3.63 -24.33 -12.31
C LEU A 139 4.56 -25.36 -11.66
N GLY A 140 5.26 -24.94 -10.61
CA GLY A 140 6.12 -25.86 -9.87
C GLY A 140 7.62 -25.72 -10.08
N VAL A 141 8.11 -24.57 -10.55
CA VAL A 141 9.56 -24.41 -10.75
C VAL A 141 10.34 -24.53 -9.43
N THR A 142 11.58 -25.00 -9.50
CA THR A 142 12.36 -25.25 -8.27
C THR A 142 13.04 -23.97 -7.78
N ASP A 143 13.38 -23.09 -8.70
CA ASP A 143 14.08 -21.87 -8.33
C ASP A 143 13.96 -20.83 -9.42
N ILE A 144 14.00 -19.56 -9.02
CA ILE A 144 13.83 -18.46 -9.93
C ILE A 144 14.98 -17.47 -9.74
N THR A 145 15.60 -17.07 -10.85
CA THR A 145 16.57 -15.98 -10.79
C THR A 145 15.91 -14.73 -11.38
N VAL A 146 15.90 -13.63 -10.63
CA VAL A 146 15.34 -12.36 -11.10
C VAL A 146 16.47 -11.49 -11.62
N VAL A 147 16.35 -11.06 -12.88
CA VAL A 147 17.35 -10.20 -13.50
C VAL A 147 16.67 -8.87 -13.78
N ALA A 148 17.15 -7.80 -13.19
CA ALA A 148 16.53 -6.50 -13.43
C ALA A 148 17.54 -5.38 -13.28
N ARG A 149 17.17 -4.21 -13.77
CA ARG A 149 18.03 -3.03 -13.64
C ARG A 149 17.88 -2.42 -12.26
N ASN A 150 16.70 -2.58 -11.67
CA ASN A 150 16.43 -1.99 -10.36
C ASN A 150 16.63 -3.01 -9.25
N SER A 151 17.78 -2.95 -8.58
CA SER A 151 18.13 -3.97 -7.58
C SER A 151 17.26 -3.93 -6.32
N ASP A 152 16.76 -2.75 -5.96
CA ASP A 152 15.88 -2.65 -4.79
C ASP A 152 14.53 -3.32 -5.04
N LYS A 153 13.98 -3.13 -6.24
CA LYS A 153 12.73 -3.78 -6.59
C LYS A 153 12.93 -5.29 -6.77
N ALA A 154 14.12 -5.67 -7.22
CA ALA A 154 14.44 -7.07 -7.41
C ALA A 154 14.45 -7.78 -6.06
N ALA A 155 14.95 -7.09 -5.02
CA ALA A 155 14.96 -7.65 -3.69
C ALA A 155 13.54 -7.99 -3.20
N ARG A 156 12.57 -7.15 -3.56
CA ARG A 156 11.18 -7.38 -3.19
C ARG A 156 10.64 -8.62 -3.89
N LEU A 157 11.07 -8.81 -5.13
CA LEU A 157 10.69 -9.99 -5.91
C LEU A 157 11.31 -11.26 -5.34
N VAL A 158 12.54 -11.16 -4.85
CA VAL A 158 13.16 -12.28 -4.16
C VAL A 158 12.38 -12.69 -2.91
N ASP A 159 11.94 -11.71 -2.11
CA ASP A 159 11.10 -12.02 -0.93
C ASP A 159 9.80 -12.70 -1.32
N LEU A 160 9.17 -12.20 -2.38
CA LEU A 160 7.92 -12.79 -2.87
C LEU A 160 8.13 -14.25 -3.25
N GLY A 161 9.12 -14.50 -4.10
CA GLY A 161 9.48 -15.85 -4.49
C GLY A 161 9.69 -16.76 -3.29
N THR A 162 10.45 -16.27 -2.32
CA THR A 162 10.74 -17.05 -1.12
C THR A 162 9.47 -17.37 -0.34
N ARG A 163 8.56 -16.40 -0.23
CA ARG A 163 7.30 -16.61 0.47
C ARG A 163 6.33 -17.60 -0.20
N VAL A 164 6.44 -17.77 -1.51
CA VAL A 164 5.63 -18.77 -2.20
C VAL A 164 6.38 -20.10 -2.37
N GLY A 165 7.44 -20.27 -1.60
CA GLY A 165 8.13 -21.54 -1.48
C GLY A 165 9.18 -21.83 -2.53
N VAL A 166 9.62 -20.81 -3.26
CA VAL A 166 10.60 -21.01 -4.32
C VAL A 166 11.92 -20.33 -3.98
N ALA A 167 13.04 -21.05 -4.12
CA ALA A 167 14.37 -20.46 -3.93
C ALA A 167 14.61 -19.40 -5.00
N THR A 168 14.75 -18.16 -4.57
CA THR A 168 14.83 -17.05 -5.53
C THR A 168 16.08 -16.23 -5.24
N ARG A 169 16.72 -15.67 -6.27
CA ARG A 169 17.86 -14.79 -6.07
C ARG A 169 17.91 -13.74 -7.17
N PHE A 170 18.70 -12.70 -6.93
CA PHE A 170 18.86 -11.60 -7.88
C PHE A 170 20.17 -11.73 -8.64
N CYS A 171 20.14 -11.42 -9.93
CA CYS A 171 21.33 -11.36 -10.76
C CYS A 171 21.31 -10.06 -11.56
N ALA A 172 22.35 -9.25 -11.43
CA ALA A 172 22.45 -8.02 -12.21
C ALA A 172 22.62 -8.32 -13.69
N PHE A 173 22.09 -7.43 -14.55
CA PHE A 173 22.25 -7.58 -15.98
C PHE A 173 23.69 -7.54 -16.45
N ASP A 174 24.48 -6.65 -15.83
CA ASP A 174 25.74 -6.22 -16.44
C ASP A 174 27.02 -6.65 -15.72
N SER A 175 26.91 -7.29 -14.57
CA SER A 175 28.10 -7.52 -13.76
C SER A 175 28.83 -8.84 -14.03
N GLY A 176 28.25 -9.69 -14.86
CA GLY A 176 28.96 -10.87 -15.33
C GLY A 176 28.35 -12.20 -14.95
N GLY A 177 27.17 -12.16 -14.34
CA GLY A 177 26.54 -13.39 -13.90
C GLY A 177 25.41 -13.87 -14.81
N LEU A 178 25.05 -13.07 -15.80
CA LEU A 178 23.91 -13.40 -16.63
C LEU A 178 24.10 -14.71 -17.41
N ALA A 179 25.27 -14.91 -17.98
CA ALA A 179 25.53 -16.12 -18.77
C ALA A 179 25.34 -17.40 -17.96
N ASP A 180 25.87 -17.41 -16.75
CA ASP A 180 25.71 -18.58 -15.86
C ASP A 180 24.27 -18.78 -15.42
N ALA A 181 23.55 -17.68 -15.23
CA ALA A 181 22.12 -17.74 -14.87
C ALA A 181 21.30 -18.37 -16.00
N VAL A 182 21.64 -18.01 -17.24
CA VAL A 182 20.97 -18.55 -18.42
C VAL A 182 21.26 -20.03 -18.59
N ALA A 183 22.53 -20.40 -18.44
CA ALA A 183 22.97 -21.79 -18.62
C ALA A 183 22.20 -22.76 -17.74
N ALA A 184 21.85 -22.33 -16.53
CA ALA A 184 21.17 -23.21 -15.59
C ALA A 184 19.65 -23.28 -15.85
N ALA A 185 19.12 -22.26 -16.51
CA ALA A 185 17.66 -22.09 -16.60
C ALA A 185 17.03 -22.84 -17.78
N GLU A 186 15.78 -23.23 -17.59
CA GLU A 186 15.05 -23.95 -18.65
C GLU A 186 13.95 -23.11 -19.25
N VAL A 187 13.58 -22.03 -18.56
CA VAL A 187 12.54 -21.14 -19.04
C VAL A 187 12.88 -19.70 -18.67
N LEU A 188 12.58 -18.78 -19.58
CA LEU A 188 12.79 -17.37 -19.37
C LEU A 188 11.47 -16.63 -19.60
N VAL A 189 11.03 -15.86 -18.61
CA VAL A 189 9.87 -14.98 -18.82
C VAL A 189 10.37 -13.54 -18.84
N SER A 190 10.18 -12.86 -19.97
CA SER A 190 10.69 -11.49 -20.11
C SER A 190 9.60 -10.45 -19.96
N THR A 191 9.77 -9.54 -19.01
CA THR A 191 8.80 -8.46 -18.82
C THR A 191 9.38 -7.08 -19.07
N ILE A 192 10.59 -7.02 -19.64
CA ILE A 192 11.27 -5.76 -19.92
C ILE A 192 10.99 -5.27 -21.35
N PRO A 193 11.25 -3.98 -21.63
CA PRO A 193 11.00 -3.48 -22.99
C PRO A 193 11.87 -4.22 -24.01
N ALA A 194 11.38 -4.36 -25.24
CA ALA A 194 12.12 -5.09 -26.25
C ALA A 194 13.45 -4.41 -26.56
N GLU A 195 13.46 -3.07 -26.43
CA GLU A 195 14.66 -2.27 -26.70
C GLU A 195 15.76 -2.49 -25.66
N VAL A 196 15.39 -2.90 -24.45
CA VAL A 196 16.35 -3.20 -23.39
C VAL A 196 16.84 -4.63 -23.55
N ALA A 197 15.92 -5.57 -23.76
CA ALA A 197 16.25 -6.98 -23.92
C ALA A 197 17.18 -7.21 -25.11
N ALA A 198 17.04 -6.39 -26.15
CA ALA A 198 17.84 -6.52 -27.37
C ALA A 198 19.34 -6.62 -27.12
N GLY A 199 19.84 -5.81 -26.19
CA GLY A 199 21.28 -5.74 -25.93
C GLY A 199 21.83 -6.95 -25.19
N TYR A 200 20.93 -7.81 -24.71
CA TYR A 200 21.34 -9.01 -23.99
C TYR A 200 20.91 -10.25 -24.74
N ALA A 201 20.36 -10.07 -25.94
CA ALA A 201 19.73 -11.19 -26.64
C ALA A 201 20.71 -12.30 -26.97
N GLY A 202 21.96 -11.95 -27.25
CA GLY A 202 22.99 -12.95 -27.56
C GLY A 202 23.26 -13.86 -26.37
N THR A 203 23.26 -13.27 -25.19
CA THR A 203 23.48 -14.02 -23.95
C THR A 203 22.25 -14.85 -23.58
N LEU A 204 21.08 -14.25 -23.74
CA LEU A 204 19.82 -14.91 -23.40
C LEU A 204 19.36 -15.95 -24.42
N ALA A 205 19.94 -15.91 -25.63
CA ALA A 205 19.43 -16.72 -26.76
C ALA A 205 19.45 -18.22 -26.48
N ALA A 206 20.30 -18.64 -25.55
CA ALA A 206 20.49 -20.05 -25.24
C ALA A 206 19.39 -20.67 -24.38
N ILE A 207 18.41 -19.88 -23.97
CA ILE A 207 17.34 -20.40 -23.11
C ILE A 207 16.45 -21.34 -23.91
N PRO A 208 16.07 -22.48 -23.31
CA PRO A 208 15.25 -23.47 -24.04
C PRO A 208 13.83 -23.00 -24.36
N VAL A 209 13.25 -22.19 -23.48
CA VAL A 209 11.87 -21.70 -23.67
C VAL A 209 11.82 -20.22 -23.28
N LEU A 210 11.20 -19.41 -24.13
CA LEU A 210 11.02 -17.99 -23.86
C LEU A 210 9.54 -17.64 -23.90
N LEU A 211 9.06 -17.02 -22.82
CA LEU A 211 7.76 -16.38 -22.88
C LEU A 211 8.02 -14.89 -22.87
N ASP A 212 7.66 -14.18 -23.94
CA ASP A 212 7.87 -12.74 -23.98
C ASP A 212 6.55 -12.04 -23.76
N ALA A 213 6.49 -11.14 -22.79
CA ALA A 213 5.23 -10.41 -22.53
C ALA A 213 4.86 -9.47 -23.65
N ILE A 214 5.85 -9.04 -24.43
CA ILE A 214 5.64 -8.12 -25.54
C ILE A 214 4.94 -8.81 -26.71
N TYR A 215 4.02 -8.13 -27.38
CA TYR A 215 3.42 -8.69 -28.58
C TYR A 215 3.38 -7.73 -29.78
N ASP A 216 3.74 -6.46 -29.57
CA ASP A 216 3.68 -5.47 -30.65
C ASP A 216 4.73 -4.40 -30.34
N PRO A 217 5.70 -4.18 -31.27
CA PRO A 217 5.87 -4.96 -32.51
C PRO A 217 6.41 -6.35 -32.28
N TRP A 218 6.21 -7.21 -33.26
CA TRP A 218 6.64 -8.59 -33.15
C TRP A 218 7.31 -8.98 -34.46
N PRO A 219 8.39 -9.80 -34.40
CA PRO A 219 9.01 -10.38 -33.21
C PRO A 219 9.94 -9.39 -32.51
N THR A 220 10.19 -9.59 -31.22
CA THR A 220 11.21 -8.82 -30.54
C THR A 220 12.58 -9.34 -30.93
N PRO A 221 13.62 -8.51 -30.79
CA PRO A 221 14.98 -8.99 -31.02
C PRO A 221 15.30 -10.22 -30.18
N LEU A 222 14.83 -10.23 -28.92
CA LEU A 222 15.02 -11.37 -28.04
C LEU A 222 14.37 -12.64 -28.60
N ALA A 223 13.14 -12.51 -29.06
CA ALA A 223 12.42 -13.64 -29.66
C ALA A 223 13.13 -14.16 -30.91
N ALA A 224 13.65 -13.25 -31.75
CA ALA A 224 14.38 -13.67 -32.94
C ALA A 224 15.64 -14.45 -32.58
N ALA A 225 16.30 -14.03 -31.51
CA ALA A 225 17.54 -14.66 -31.06
C ALA A 225 17.31 -16.06 -30.53
N VAL A 226 16.34 -16.19 -29.62
CA VAL A 226 15.97 -17.51 -29.07
C VAL A 226 15.50 -18.44 -30.17
N GLY A 227 14.61 -17.95 -31.04
CA GLY A 227 14.11 -18.75 -32.15
C GLY A 227 15.23 -19.26 -33.04
N SER A 228 16.15 -18.36 -33.38
CA SER A 228 17.28 -18.75 -34.22
C SER A 228 18.16 -19.82 -33.56
N ALA A 229 18.28 -19.75 -32.24
CA ALA A 229 19.15 -20.63 -31.46
C ALA A 229 18.55 -22.01 -31.24
N GLY A 230 17.28 -22.18 -31.59
CA GLY A 230 16.62 -23.46 -31.42
C GLY A 230 15.61 -23.50 -30.29
N GLY A 231 15.45 -22.39 -29.57
CA GLY A 231 14.56 -22.36 -28.42
C GLY A 231 13.11 -22.20 -28.81
N ARG A 232 12.20 -22.55 -27.90
CA ARG A 232 10.77 -22.34 -28.11
C ARG A 232 10.37 -20.91 -27.80
N VAL A 233 9.71 -20.26 -28.76
CA VAL A 233 9.28 -18.88 -28.57
C VAL A 233 7.76 -18.80 -28.39
N ILE A 234 7.34 -18.18 -27.28
CA ILE A 234 5.92 -17.96 -27.01
C ILE A 234 5.68 -16.45 -26.92
N SER A 235 4.83 -15.93 -27.80
CA SER A 235 4.65 -14.48 -27.88
C SER A 235 3.70 -13.98 -26.80
N GLY A 236 3.71 -12.66 -26.62
CA GLY A 236 2.85 -12.00 -25.65
C GLY A 236 1.36 -12.19 -25.93
N LEU A 237 1.05 -12.57 -27.16
CA LEU A 237 -0.35 -12.81 -27.53
C LEU A 237 -0.90 -14.01 -26.77
N GLN A 238 -0.05 -15.02 -26.53
CA GLN A 238 -0.51 -16.19 -25.79
C GLN A 238 -0.75 -15.82 -24.32
N MET A 239 0.13 -14.99 -23.75
CA MET A 239 -0.10 -14.47 -22.40
C MET A 239 -1.37 -13.62 -22.35
N LEU A 240 -1.57 -12.79 -23.37
CA LEU A 240 -2.77 -11.96 -23.45
C LEU A 240 -4.06 -12.78 -23.44
N LEU A 241 -4.11 -13.84 -24.25
CA LEU A 241 -5.26 -14.74 -24.30
C LEU A 241 -5.54 -15.35 -22.94
N HIS A 242 -4.52 -15.94 -22.33
CA HIS A 242 -4.74 -16.68 -21.09
C HIS A 242 -5.11 -15.78 -19.92
N GLN A 243 -4.58 -14.57 -19.87
CA GLN A 243 -4.99 -13.64 -18.80
C GLN A 243 -6.37 -13.06 -19.06
N ALA A 244 -6.81 -13.10 -20.33
CA ALA A 244 -8.08 -12.48 -20.69
C ALA A 244 -9.26 -13.33 -20.24
N PHE A 245 -9.08 -14.65 -20.17
CA PHE A 245 -10.16 -15.54 -19.74
C PHE A 245 -10.76 -15.13 -18.40
N ALA A 246 -9.90 -14.94 -17.40
CA ALA A 246 -10.38 -14.63 -16.07
C ALA A 246 -10.94 -13.23 -16.00
N GLN A 247 -10.45 -12.34 -16.85
CA GLN A 247 -10.98 -10.98 -16.89
C GLN A 247 -12.41 -10.99 -17.42
N VAL A 248 -12.65 -11.73 -18.50
CA VAL A 248 -14.01 -11.84 -19.02
C VAL A 248 -14.96 -12.42 -17.97
N GLU A 249 -14.51 -13.42 -17.22
CA GLU A 249 -15.32 -14.01 -16.16
C GLU A 249 -15.71 -13.00 -15.10
N GLN A 250 -14.78 -12.15 -14.71
CA GLN A 250 -15.07 -11.17 -13.66
C GLN A 250 -15.92 -10.01 -14.17
N PHE A 251 -15.75 -9.63 -15.42
CA PHE A 251 -16.56 -8.55 -16.01
C PHE A 251 -17.99 -9.02 -16.28
N THR A 252 -18.17 -10.28 -16.66
CA THR A 252 -19.48 -10.76 -17.12
C THR A 252 -20.25 -11.62 -16.11
N GLY A 253 -19.54 -12.29 -15.20
CA GLY A 253 -20.16 -13.25 -14.30
C GLY A 253 -20.44 -14.59 -14.96
N LEU A 254 -19.91 -14.79 -16.17
CA LEU A 254 -20.16 -16.00 -16.96
C LEU A 254 -18.83 -16.69 -17.26
N PRO A 255 -18.87 -17.99 -17.63
CA PRO A 255 -17.62 -18.68 -17.98
C PRO A 255 -17.04 -18.08 -19.25
N ALA A 256 -15.71 -18.03 -19.34
CA ALA A 256 -15.10 -17.47 -20.53
C ALA A 256 -15.37 -18.38 -21.72
N PRO A 257 -15.76 -17.78 -22.85
CA PRO A 257 -15.95 -18.55 -24.08
C PRO A 257 -14.60 -18.75 -24.76
N ARG A 258 -13.87 -19.74 -24.26
CA ARG A 258 -12.48 -19.95 -24.65
C ARG A 258 -12.30 -20.20 -26.15
N GLU A 259 -13.20 -20.99 -26.75
CA GLU A 259 -13.15 -21.25 -28.19
C GLU A 259 -13.24 -19.96 -29.00
N ALA A 260 -14.23 -19.12 -28.69
CA ALA A 260 -14.44 -17.87 -29.41
C ALA A 260 -13.25 -16.94 -29.25
N MET A 261 -12.67 -16.88 -28.06
CA MET A 261 -11.56 -15.98 -27.81
C MET A 261 -10.31 -16.49 -28.51
N THR A 262 -10.15 -17.80 -28.58
CA THR A 262 -9.00 -18.37 -29.26
C THR A 262 -9.10 -18.12 -30.76
N CYS A 263 -10.31 -18.25 -31.31
CA CYS A 263 -10.53 -17.87 -32.70
C CYS A 263 -10.28 -16.38 -32.98
N ALA A 264 -10.60 -15.52 -32.02
CA ALA A 264 -10.34 -14.09 -32.20
C ALA A 264 -8.84 -13.84 -32.25
N LEU A 265 -8.09 -14.55 -31.41
CA LEU A 265 -6.64 -14.38 -31.37
C LEU A 265 -6.06 -14.76 -32.72
N ALA A 266 -6.61 -15.82 -33.32
CA ALA A 266 -6.14 -16.30 -34.62
C ALA A 266 -6.50 -15.34 -35.75
N ALA A 267 -7.52 -14.50 -35.52
CA ALA A 267 -7.99 -13.55 -36.54
C ALA A 267 -7.23 -12.23 -36.51
N LEU A 268 -6.38 -12.03 -35.50
CA LEU A 268 -5.52 -10.86 -35.44
C LEU A 268 -4.50 -10.91 -36.56
N ASP A 269 -3.88 -9.79 -36.87
CA ASP A 269 -2.80 -9.79 -37.87
C ASP A 269 -1.50 -10.28 -37.24
N PRO B 5 6.09 14.13 -10.28
CA PRO B 5 5.97 14.90 -9.04
C PRO B 5 5.78 13.97 -7.84
N LYS B 6 5.91 14.49 -6.63
CA LYS B 6 5.94 13.65 -5.43
C LYS B 6 4.58 13.17 -4.97
N LYS B 7 4.59 12.03 -4.29
CA LYS B 7 3.37 11.39 -3.82
C LYS B 7 3.49 10.97 -2.38
N ALA B 8 2.41 11.16 -1.62
CA ALA B 8 2.30 10.57 -0.30
C ALA B 8 0.89 10.04 -0.12
N GLY B 9 0.57 9.56 1.07
CA GLY B 9 -0.79 9.11 1.32
C GLY B 9 -0.94 8.54 2.70
N VAL B 10 -2.12 7.98 2.96
CA VAL B 10 -2.39 7.32 4.24
C VAL B 10 -2.87 5.90 3.97
N LEU B 11 -2.36 4.96 4.77
CA LEU B 11 -2.74 3.55 4.69
C LEU B 11 -3.46 3.15 5.95
N GLY B 12 -4.62 2.52 5.82
CA GLY B 12 -5.38 2.06 6.98
C GLY B 12 -6.68 1.39 6.59
N SER B 13 -7.39 0.86 7.57
CA SER B 13 -8.63 0.14 7.29
C SER B 13 -9.50 0.15 8.55
N PRO B 14 -10.66 0.82 8.50
CA PRO B 14 -11.21 1.58 7.37
C PRO B 14 -10.45 2.88 7.19
N ILE B 15 -10.53 3.50 6.01
CA ILE B 15 -9.77 4.69 5.72
C ILE B 15 -10.63 5.80 5.12
N ALA B 16 -11.86 5.45 4.74
CA ALA B 16 -12.74 6.35 4.00
C ALA B 16 -12.91 7.74 4.64
N HIS B 17 -12.88 7.80 5.96
CA HIS B 17 -13.14 9.06 6.64
C HIS B 17 -11.92 9.68 7.29
N SER B 18 -10.74 9.22 6.90
CA SER B 18 -9.49 9.83 7.35
C SER B 18 -9.46 11.30 6.95
N ARG B 19 -8.98 12.15 7.84
CA ARG B 19 -8.87 13.58 7.56
C ARG B 19 -7.44 13.93 7.21
N SER B 20 -6.57 12.92 7.16
CA SER B 20 -5.18 13.16 6.80
C SER B 20 -4.97 13.77 5.42
N PRO B 21 -5.74 13.33 4.40
CA PRO B 21 -5.54 13.99 3.10
C PRO B 21 -5.85 15.49 3.11
N GLN B 22 -6.93 15.89 3.77
CA GLN B 22 -7.25 17.30 3.85
C GLN B 22 -6.14 18.11 4.54
N LEU B 23 -5.57 17.56 5.62
CA LEU B 23 -4.47 18.22 6.33
C LEU B 23 -3.22 18.33 5.49
N HIS B 24 -2.81 17.20 4.91
CA HIS B 24 -1.59 17.20 4.11
C HIS B 24 -1.71 18.03 2.84
N LEU B 25 -2.84 17.93 2.13
CA LEU B 25 -3.01 18.72 0.91
C LEU B 25 -3.05 20.21 1.22
N ALA B 26 -3.61 20.57 2.38
CA ALA B 26 -3.60 21.97 2.82
C ALA B 26 -2.18 22.44 3.03
N ALA B 27 -1.38 21.58 3.66
CA ALA B 27 0.03 21.85 3.90
C ALA B 27 0.80 22.05 2.58
N TYR B 28 0.63 21.12 1.65
CA TYR B 28 1.39 21.16 0.41
C TYR B 28 1.02 22.40 -0.41
N ARG B 29 -0.25 22.74 -0.40
CA ARG B 29 -0.70 23.98 -1.05
C ARG B 29 -0.02 25.21 -0.46
N ALA B 30 0.01 25.28 0.87
CA ALA B 30 0.62 26.42 1.57
C ALA B 30 2.12 26.52 1.31
N LEU B 31 2.76 25.37 1.09
CA LEU B 31 4.20 25.31 0.85
C LEU B 31 4.57 25.52 -0.62
N GLY B 32 3.57 25.60 -1.49
CA GLY B 32 3.82 25.76 -2.91
C GLY B 32 4.12 24.45 -3.64
N LEU B 33 3.82 23.34 -3.00
CA LEU B 33 4.03 22.01 -3.59
C LEU B 33 2.74 21.54 -4.24
N HIS B 34 2.24 22.34 -5.19
CA HIS B 34 0.92 22.14 -5.77
C HIS B 34 0.76 20.84 -6.56
N ASP B 35 1.86 20.32 -7.10
CA ASP B 35 1.80 19.11 -7.92
C ASP B 35 1.81 17.82 -7.10
N TRP B 36 2.09 17.93 -5.79
CA TRP B 36 2.09 16.76 -4.92
C TRP B 36 0.68 16.19 -4.74
N THR B 37 0.59 14.88 -4.55
CA THR B 37 -0.69 14.23 -4.31
C THR B 37 -0.66 13.51 -2.97
N TYR B 38 -1.84 13.30 -2.39
CA TYR B 38 -1.95 12.54 -1.16
C TYR B 38 -3.21 11.70 -1.20
N GLU B 39 -3.02 10.39 -1.27
CA GLU B 39 -4.13 9.48 -1.51
C GLU B 39 -4.49 8.61 -0.30
N ARG B 40 -5.76 8.24 -0.20
CA ARG B 40 -6.23 7.29 0.82
C ARG B 40 -6.12 5.90 0.25
N ILE B 41 -5.42 5.02 0.97
CA ILE B 41 -5.26 3.63 0.54
C ILE B 41 -5.81 2.68 1.60
N GLU B 42 -6.87 1.96 1.24
CA GLU B 42 -7.44 0.95 2.12
C GLU B 42 -6.43 -0.17 2.24
N CYS B 43 -6.03 -0.48 3.46
CA CYS B 43 -4.89 -1.36 3.68
C CYS B 43 -4.93 -1.97 5.06
N GLY B 44 -4.94 -3.30 5.13
CA GLY B 44 -4.85 -4.01 6.39
C GLY B 44 -3.39 -4.27 6.71
N ALA B 45 -3.13 -4.89 7.86
CA ALA B 45 -1.75 -5.08 8.30
C ALA B 45 -0.94 -5.97 7.36
N ALA B 46 -1.54 -7.06 6.91
CA ALA B 46 -0.85 -7.99 6.02
C ALA B 46 -0.57 -7.36 4.66
N GLU B 47 -1.40 -6.40 4.27
CA GLU B 47 -1.28 -5.72 2.98
C GLU B 47 -0.21 -4.63 2.93
N LEU B 48 0.20 -4.13 4.09
CA LEU B 48 1.11 -2.98 4.13
C LEU B 48 2.44 -3.16 3.36
N PRO B 49 3.17 -4.26 3.60
CA PRO B 49 4.46 -4.41 2.91
C PRO B 49 4.30 -4.53 1.42
N VAL B 50 3.20 -5.14 1.01
CA VAL B 50 2.86 -5.29 -0.40
C VAL B 50 2.67 -3.93 -1.04
N VAL B 51 1.87 -3.10 -0.39
CA VAL B 51 1.58 -1.76 -0.89
C VAL B 51 2.84 -0.87 -0.93
N VAL B 52 3.55 -0.77 0.19
CA VAL B 52 4.69 0.16 0.25
C VAL B 52 5.83 -0.32 -0.65
N GLY B 53 6.01 -1.63 -0.71
CA GLY B 53 7.06 -2.23 -1.55
C GLY B 53 6.83 -1.99 -3.04
N GLY B 54 5.58 -1.68 -3.41
CA GLY B 54 5.26 -1.40 -4.80
C GLY B 54 5.42 0.03 -5.23
N PHE B 55 5.65 0.94 -4.28
CA PHE B 55 5.75 2.36 -4.60
C PHE B 55 6.91 2.69 -5.53
N GLY B 56 6.68 3.55 -6.51
CA GLY B 56 7.76 4.10 -7.29
C GLY B 56 8.56 5.12 -6.50
N PRO B 57 9.66 5.62 -7.10
CA PRO B 57 10.59 6.53 -6.43
C PRO B 57 9.99 7.90 -6.10
N GLU B 58 8.87 8.26 -6.72
CA GLU B 58 8.21 9.53 -6.46
C GLU B 58 7.49 9.56 -5.10
N TRP B 59 7.33 8.41 -4.47
CA TRP B 59 6.71 8.36 -3.15
C TRP B 59 7.70 8.78 -2.08
N VAL B 60 7.40 9.88 -1.40
CA VAL B 60 8.28 10.39 -0.34
C VAL B 60 8.01 9.75 1.02
N GLY B 61 6.78 9.29 1.24
CA GLY B 61 6.43 8.68 2.52
C GLY B 61 4.95 8.40 2.58
N VAL B 62 4.52 7.70 3.61
CA VAL B 62 3.08 7.50 3.86
C VAL B 62 2.80 7.55 5.34
N SER B 63 1.61 8.03 5.68
CA SER B 63 1.10 7.97 7.03
C SER B 63 0.45 6.61 7.18
N VAL B 64 0.49 6.07 8.39
CA VAL B 64 -0.09 4.74 8.64
C VAL B 64 -1.01 4.84 9.85
N THR B 65 -2.26 4.40 9.69
CA THR B 65 -3.18 4.37 10.81
C THR B 65 -3.59 2.92 11.09
N MET B 66 -4.53 2.70 11.99
CA MET B 66 -4.97 1.34 12.29
C MET B 66 -5.45 0.65 11.03
N PRO B 67 -5.18 -0.66 10.88
CA PRO B 67 -4.48 -1.56 11.81
C PRO B 67 -3.03 -1.84 11.41
N GLY B 68 -2.37 -0.91 10.72
CA GLY B 68 -1.06 -1.20 10.18
C GLY B 68 0.17 -0.70 10.90
N LYS B 69 0.04 -0.17 12.12
CA LYS B 69 1.17 0.51 12.74
C LYS B 69 2.28 -0.44 13.20
N PHE B 70 1.90 -1.65 13.62
CA PHE B 70 2.90 -2.66 13.98
C PHE B 70 3.62 -3.14 12.72
N ALA B 71 2.85 -3.34 11.65
CA ALA B 71 3.43 -3.75 10.37
C ALA B 71 4.38 -2.71 9.81
N ALA B 72 4.06 -1.43 9.98
CA ALA B 72 4.91 -0.38 9.46
C ALA B 72 6.27 -0.40 10.15
N LEU B 73 6.24 -0.65 11.46
CA LEU B 73 7.47 -0.71 12.24
C LEU B 73 8.38 -1.82 11.71
N ARG B 74 7.78 -2.97 11.37
CA ARG B 74 8.53 -4.12 10.90
C ARG B 74 8.99 -3.97 9.45
N PHE B 75 8.27 -3.19 8.65
CA PHE B 75 8.59 -3.06 7.24
C PHE B 75 9.89 -2.29 6.98
N ALA B 76 10.12 -1.26 7.78
CA ALA B 76 11.23 -0.33 7.58
C ALA B 76 12.59 -0.98 7.74
N ASP B 77 13.58 -0.40 7.07
CA ASP B 77 14.96 -0.82 7.22
C ASP B 77 15.59 -0.16 8.45
N GLU B 78 15.08 1.03 8.80
CA GLU B 78 15.58 1.83 9.91
C GLU B 78 14.37 2.15 10.79
N ARG B 79 14.47 1.93 12.09
CA ARG B 79 13.40 2.33 13.01
C ARG B 79 13.94 3.40 13.93
N THR B 80 13.19 4.49 14.13
CA THR B 80 13.62 5.52 15.09
C THR B 80 13.60 4.95 16.50
N ALA B 81 14.42 5.52 17.36
CA ALA B 81 14.47 5.09 18.76
C ALA B 81 13.08 5.11 19.40
N ARG B 82 12.31 6.15 19.12
CA ARG B 82 11.01 6.28 19.77
C ARG B 82 9.95 5.34 19.19
N ALA B 83 10.05 5.04 17.89
CA ALA B 83 9.16 4.06 17.29
C ALA B 83 9.43 2.69 17.92
N ASP B 84 10.70 2.35 18.10
CA ASP B 84 11.09 1.13 18.82
C ASP B 84 10.48 1.10 20.23
N LEU B 85 10.59 2.21 20.96
CA LEU B 85 10.13 2.27 22.33
C LEU B 85 8.63 2.06 22.47
N VAL B 86 7.85 2.64 21.55
CA VAL B 86 6.40 2.51 21.65
C VAL B 86 5.88 1.26 20.94
N GLY B 87 6.74 0.64 20.15
CA GLY B 87 6.42 -0.62 19.51
C GLY B 87 5.50 -0.50 18.31
N SER B 88 5.43 0.69 17.70
CA SER B 88 4.63 0.88 16.49
C SER B 88 5.10 2.12 15.76
N ALA B 89 4.70 2.25 14.50
CA ALA B 89 5.08 3.41 13.68
C ALA B 89 3.86 3.88 12.91
N ASN B 90 3.61 5.19 12.92
CA ASN B 90 2.53 5.74 12.12
C ASN B 90 3.05 6.51 10.91
N THR B 91 4.36 6.45 10.67
CA THR B 91 4.96 7.20 9.57
C THR B 91 6.05 6.36 8.91
N LEU B 92 6.01 6.27 7.59
CA LEU B 92 7.13 5.68 6.86
C LEU B 92 7.69 6.73 5.90
N VAL B 93 9.00 6.90 5.89
CA VAL B 93 9.66 7.93 5.09
C VAL B 93 10.72 7.31 4.21
N ARG B 94 10.71 7.64 2.93
CA ARG B 94 11.70 7.06 2.03
C ARG B 94 13.06 7.72 2.28
N THR B 95 14.10 6.91 2.34
CA THR B 95 15.47 7.41 2.54
C THR B 95 16.31 6.90 1.39
N PRO B 96 17.52 7.46 1.20
CA PRO B 96 18.40 6.92 0.16
C PRO B 96 18.71 5.44 0.37
N HIS B 97 18.73 5.00 1.63
CA HIS B 97 19.03 3.61 1.94
C HIS B 97 17.83 2.83 2.46
N GLY B 98 16.64 3.14 1.92
CA GLY B 98 15.45 2.34 2.19
C GLY B 98 14.25 3.08 2.73
N TRP B 99 13.71 2.60 3.84
CA TRP B 99 12.59 3.24 4.50
C TRP B 99 12.87 3.39 5.99
N ARG B 100 12.38 4.48 6.58
CA ARG B 100 12.52 4.69 8.01
C ARG B 100 11.16 4.76 8.63
N ALA B 101 10.97 4.05 9.75
CA ALA B 101 9.72 4.11 10.48
C ALA B 101 9.83 5.01 11.69
N ASP B 102 8.84 5.87 11.89
CA ASP B 102 8.83 6.75 13.04
C ASP B 102 7.42 6.77 13.61
N ASN B 103 7.28 7.30 14.82
CA ASN B 103 5.96 7.45 15.40
C ASN B 103 5.75 8.90 15.83
N THR B 104 4.94 9.62 15.08
CA THR B 104 4.69 11.04 15.36
C THR B 104 3.49 11.24 16.27
N ASP B 105 2.81 10.16 16.66
CA ASP B 105 1.77 10.27 17.69
C ASP B 105 2.32 10.84 19.00
N ILE B 106 3.60 10.58 19.26
CA ILE B 106 4.30 11.19 20.39
C ILE B 106 4.25 12.72 20.29
N ASP B 107 4.52 13.24 19.10
CA ASP B 107 4.41 14.68 18.83
C ASP B 107 2.98 15.18 18.91
N GLY B 108 2.04 14.34 18.48
CA GLY B 108 0.63 14.63 18.63
C GLY B 108 0.30 14.94 20.07
N VAL B 109 0.73 14.06 20.98
CA VAL B 109 0.44 14.24 22.39
C VAL B 109 1.13 15.48 22.97
N ALA B 110 2.44 15.57 22.82
CA ALA B 110 3.19 16.69 23.40
C ALA B 110 2.80 18.02 22.77
N GLY B 111 2.62 18.05 21.46
CA GLY B 111 2.29 19.29 20.78
C GLY B 111 0.88 19.79 21.09
N ALA B 112 -0.07 18.87 21.13
CA ALA B 112 -1.45 19.28 21.38
C ALA B 112 -1.66 19.75 22.83
N LEU B 113 -0.98 19.10 23.77
CA LEU B 113 -1.01 19.52 25.17
C LEU B 113 -0.28 20.84 25.32
N GLY B 114 0.87 20.96 24.67
CA GLY B 114 1.63 22.20 24.66
C GLY B 114 2.60 22.29 25.84
N ALA B 115 2.04 22.26 27.04
CA ALA B 115 2.79 22.23 28.28
C ALA B 115 1.94 21.56 29.35
N ALA B 116 2.59 20.92 30.31
CA ALA B 116 1.89 20.30 31.43
C ALA B 116 2.81 20.25 32.63
N ALA B 117 2.26 20.53 33.81
CA ALA B 117 3.04 20.48 35.03
C ALA B 117 2.32 19.68 36.11
N GLY B 118 2.97 18.66 36.66
CA GLY B 118 2.41 17.93 37.77
C GLY B 118 2.19 16.45 37.49
N HIS B 119 1.22 15.86 38.20
CA HIS B 119 0.92 14.44 38.10
C HIS B 119 0.05 14.16 36.89
N ALA B 120 0.37 13.11 36.12
CA ALA B 120 -0.41 12.78 34.93
C ALA B 120 -1.07 11.42 35.07
N LEU B 121 -2.22 11.29 34.42
CA LEU B 121 -2.93 10.01 34.34
C LEU B 121 -3.07 9.58 32.89
N VAL B 122 -2.78 8.32 32.60
CA VAL B 122 -3.12 7.73 31.30
C VAL B 122 -4.18 6.66 31.49
N LEU B 123 -5.32 6.83 30.81
CA LEU B 123 -6.41 5.88 30.90
C LEU B 123 -6.34 4.92 29.71
N GLY B 124 -6.19 3.63 30.00
CA GLY B 124 -6.08 2.62 28.95
C GLY B 124 -4.66 2.16 28.71
N SER B 125 -4.53 0.95 28.15
CA SER B 125 -3.21 0.36 27.93
C SER B 125 -2.88 0.09 26.46
N GLY B 126 -3.88 0.21 25.58
CA GLY B 126 -3.65 -0.08 24.17
C GLY B 126 -3.56 1.19 23.34
N GLY B 127 -3.67 1.04 22.02
CA GLY B 127 -3.70 2.17 21.11
C GLY B 127 -2.61 3.20 21.30
N THR B 128 -3.02 4.43 21.61
CA THR B 128 -2.09 5.53 21.73
C THR B 128 -1.45 5.63 23.11
N ALA B 129 -1.73 4.69 24.00
CA ALA B 129 -1.18 4.76 25.36
C ALA B 129 0.35 4.85 25.42
N PRO B 130 1.07 4.01 24.66
CA PRO B 130 2.53 4.16 24.70
C PRO B 130 2.99 5.55 24.21
N ALA B 131 2.42 6.03 23.11
CA ALA B 131 2.75 7.39 22.65
C ALA B 131 2.42 8.43 23.72
N ALA B 132 1.34 8.21 24.47
CA ALA B 132 0.94 9.13 25.54
C ALA B 132 1.99 9.19 26.65
N VAL B 133 2.49 8.03 27.03
CA VAL B 133 3.53 7.97 28.06
C VAL B 133 4.77 8.74 27.63
N VAL B 134 5.19 8.53 26.39
CA VAL B 134 6.40 9.18 25.89
C VAL B 134 6.18 10.68 25.70
N GLY B 135 5.01 11.06 25.18
CA GLY B 135 4.68 12.47 25.00
C GLY B 135 4.58 13.20 26.33
N LEU B 136 4.02 12.55 27.34
CA LEU B 136 3.94 13.18 28.66
C LEU B 136 5.33 13.35 29.25
N ALA B 137 6.20 12.38 29.01
CA ALA B 137 7.57 12.47 29.48
C ALA B 137 8.27 13.70 28.89
N GLU B 138 8.01 13.96 27.62
CA GLU B 138 8.60 15.10 26.92
C GLU B 138 8.18 16.43 27.52
N LEU B 139 6.98 16.47 28.11
CA LEU B 139 6.46 17.70 28.71
C LEU B 139 7.00 17.89 30.11
N GLY B 140 7.65 16.86 30.63
CA GLY B 140 8.25 16.94 31.94
C GLY B 140 7.29 16.82 33.10
N VAL B 141 6.22 16.04 32.93
CA VAL B 141 5.33 15.77 34.07
C VAL B 141 6.15 15.10 35.18
N THR B 142 5.68 15.19 36.43
CA THR B 142 6.47 14.65 37.55
C THR B 142 6.35 13.14 37.69
N ASP B 143 5.23 12.60 37.24
CA ASP B 143 5.00 11.17 37.27
C ASP B 143 3.78 10.81 36.42
N ILE B 144 3.65 9.53 36.10
CA ILE B 144 2.54 9.07 35.27
C ILE B 144 1.94 7.83 35.93
N THR B 145 0.63 7.85 36.12
CA THR B 145 -0.08 6.69 36.61
C THR B 145 -0.95 6.13 35.48
N VAL B 146 -0.69 4.88 35.12
CA VAL B 146 -1.46 4.20 34.08
C VAL B 146 -2.62 3.46 34.71
N VAL B 147 -3.84 3.83 34.34
CA VAL B 147 -5.04 3.23 34.88
C VAL B 147 -5.62 2.31 33.81
N ALA B 148 -5.58 1.01 34.05
CA ALA B 148 -6.00 0.06 33.02
C ALA B 148 -6.46 -1.28 33.59
N ARG B 149 -7.13 -2.07 32.76
CA ARG B 149 -7.59 -3.40 33.12
C ARG B 149 -6.49 -4.45 32.92
N ASN B 150 -5.77 -4.31 31.80
CA ASN B 150 -4.76 -5.30 31.41
C ASN B 150 -3.44 -5.06 32.13
N SER B 151 -3.21 -5.80 33.22
CA SER B 151 -2.04 -5.57 34.06
C SER B 151 -0.73 -6.00 33.41
N ASP B 152 -0.79 -6.96 32.50
CA ASP B 152 0.40 -7.36 31.76
C ASP B 152 0.88 -6.21 30.85
N LYS B 153 -0.05 -5.62 30.11
CA LYS B 153 0.29 -4.51 29.23
C LYS B 153 0.61 -3.24 30.05
N ALA B 154 -0.09 -3.03 31.16
CA ALA B 154 0.19 -1.86 31.98
C ALA B 154 1.61 -1.93 32.55
N ALA B 155 2.07 -3.14 32.87
CA ALA B 155 3.42 -3.34 33.38
C ALA B 155 4.48 -2.94 32.35
N ARG B 156 4.21 -3.19 31.07
CA ARG B 156 5.15 -2.81 30.01
C ARG B 156 5.21 -1.30 29.82
N LEU B 157 4.10 -0.64 30.09
CA LEU B 157 4.01 0.82 29.99
C LEU B 157 4.80 1.47 31.12
N VAL B 158 4.84 0.81 32.27
CA VAL B 158 5.63 1.31 33.40
C VAL B 158 7.12 1.29 33.06
N ASP B 159 7.59 0.19 32.48
CA ASP B 159 8.98 0.06 32.07
C ASP B 159 9.33 1.10 30.99
N LEU B 160 8.39 1.37 30.10
CA LEU B 160 8.57 2.41 29.09
C LEU B 160 8.78 3.78 29.74
N GLY B 161 7.95 4.11 30.72
CA GLY B 161 8.10 5.35 31.45
C GLY B 161 9.47 5.49 32.08
N THR B 162 9.95 4.42 32.70
CA THR B 162 11.29 4.41 33.30
C THR B 162 12.37 4.63 32.25
N ARG B 163 12.24 3.98 31.11
CA ARG B 163 13.19 4.15 30.00
C ARG B 163 13.30 5.61 29.53
N VAL B 164 12.19 6.35 29.56
CA VAL B 164 12.21 7.75 29.11
C VAL B 164 12.32 8.75 30.27
N GLY B 165 12.66 8.25 31.45
CA GLY B 165 13.05 9.11 32.56
C GLY B 165 11.95 9.73 33.40
N VAL B 166 10.78 9.11 33.44
CA VAL B 166 9.67 9.61 34.26
C VAL B 166 9.18 8.53 35.22
N ALA B 167 8.94 8.92 36.47
CA ALA B 167 8.39 8.02 37.48
C ALA B 167 7.02 7.52 37.02
N THR B 168 6.85 6.19 36.92
CA THR B 168 5.62 5.64 36.38
C THR B 168 5.12 4.47 37.24
N ARG B 169 3.80 4.34 37.37
CA ARG B 169 3.20 3.20 38.06
C ARG B 169 1.90 2.80 37.37
N PHE B 170 1.39 1.62 37.71
CA PHE B 170 0.10 1.16 37.22
C PHE B 170 -0.85 1.00 38.39
N CYS B 171 -2.10 1.38 38.19
CA CYS B 171 -3.12 1.21 39.21
C CYS B 171 -4.42 0.75 38.58
N ALA B 172 -5.06 -0.24 39.20
CA ALA B 172 -6.36 -0.73 38.75
C ALA B 172 -7.45 0.32 38.91
N LEU B 178 -10.13 6.13 42.03
CA LEU B 178 -9.99 6.90 40.80
C LEU B 178 -10.20 8.38 41.07
N ALA B 179 -11.16 8.68 41.94
CA ALA B 179 -11.53 10.06 42.25
C ALA B 179 -10.44 10.79 43.03
N ASP B 180 -9.74 10.05 43.89
CA ASP B 180 -8.61 10.61 44.62
C ASP B 180 -7.46 10.90 43.67
N ALA B 181 -7.25 9.99 42.72
CA ALA B 181 -6.18 10.15 41.72
C ALA B 181 -6.43 11.37 40.86
N VAL B 182 -7.70 11.60 40.53
CA VAL B 182 -8.08 12.75 39.71
C VAL B 182 -7.89 14.07 40.46
N ALA B 183 -8.22 14.06 41.75
CA ALA B 183 -8.04 15.24 42.59
C ALA B 183 -6.56 15.62 42.72
N ALA B 184 -5.68 14.64 42.66
CA ALA B 184 -4.25 14.90 42.75
C ALA B 184 -3.63 15.26 41.40
N ALA B 185 -4.23 14.77 40.32
CA ALA B 185 -3.65 14.86 38.98
C ALA B 185 -3.91 16.19 38.27
N GLU B 186 -3.00 16.55 37.38
CA GLU B 186 -3.15 17.77 36.59
C GLU B 186 -3.66 17.46 35.19
N VAL B 187 -3.23 16.34 34.64
CA VAL B 187 -3.54 16.04 33.25
C VAL B 187 -3.99 14.59 33.11
N LEU B 188 -5.01 14.39 32.28
CA LEU B 188 -5.51 13.07 31.93
C LEU B 188 -5.43 12.88 30.43
N VAL B 189 -4.75 11.82 29.98
CA VAL B 189 -4.81 11.43 28.57
C VAL B 189 -5.65 10.16 28.46
N SER B 190 -6.77 10.25 27.74
CA SER B 190 -7.66 9.10 27.63
C SER B 190 -7.51 8.42 26.28
N THR B 191 -7.19 7.13 26.31
CA THR B 191 -6.92 6.41 25.06
C THR B 191 -7.95 5.33 24.82
N ILE B 192 -8.94 5.24 25.71
CA ILE B 192 -9.97 4.21 25.62
C ILE B 192 -11.15 4.70 24.76
N PRO B 193 -12.01 3.78 24.31
CA PRO B 193 -13.17 4.19 23.49
C PRO B 193 -14.12 5.13 24.24
N ALA B 194 -14.76 6.04 23.52
CA ALA B 194 -15.67 7.01 24.11
C ALA B 194 -16.77 6.33 24.92
N GLU B 195 -17.23 5.19 24.40
CA GLU B 195 -18.29 4.40 25.04
C GLU B 195 -17.89 3.85 26.41
N VAL B 196 -16.59 3.65 26.63
CA VAL B 196 -16.11 3.12 27.91
C VAL B 196 -15.83 4.26 28.89
N ALA B 197 -15.21 5.32 28.38
CA ALA B 197 -14.89 6.49 29.18
C ALA B 197 -16.15 7.20 29.68
N ALA B 198 -17.25 7.08 28.94
CA ALA B 198 -18.50 7.74 29.35
C ALA B 198 -18.97 7.32 30.75
N GLY B 199 -18.78 6.06 31.10
CA GLY B 199 -19.22 5.56 32.40
C GLY B 199 -18.41 6.10 33.56
N TYR B 200 -17.26 6.68 33.25
CA TYR B 200 -16.40 7.25 34.28
C TYR B 200 -16.35 8.77 34.24
N ALA B 201 -17.17 9.35 33.36
CA ALA B 201 -17.12 10.80 33.12
C ALA B 201 -17.32 11.64 34.38
N GLY B 202 -18.26 11.24 35.23
CA GLY B 202 -18.53 11.98 36.46
C GLY B 202 -17.31 12.03 37.37
N THR B 203 -16.61 10.90 37.45
CA THR B 203 -15.45 10.79 38.33
C THR B 203 -14.24 11.53 37.78
N LEU B 204 -14.12 11.53 36.45
CA LEU B 204 -12.98 12.16 35.77
C LEU B 204 -13.15 13.66 35.52
N ALA B 205 -14.37 14.16 35.66
CA ALA B 205 -14.73 15.52 35.23
C ALA B 205 -13.87 16.63 35.82
N ALA B 206 -13.39 16.43 37.04
CA ALA B 206 -12.65 17.48 37.76
C ALA B 206 -11.18 17.66 37.31
N ILE B 207 -10.69 16.80 36.41
CA ILE B 207 -9.31 16.92 35.90
C ILE B 207 -9.11 18.27 35.20
N PRO B 208 -8.01 18.98 35.52
CA PRO B 208 -7.82 20.33 34.96
C PRO B 208 -7.54 20.36 33.46
N VAL B 209 -6.93 19.30 32.93
CA VAL B 209 -6.59 19.22 31.53
C VAL B 209 -6.87 17.82 31.01
N LEU B 210 -7.64 17.73 29.92
CA LEU B 210 -7.94 16.45 29.27
C LEU B 210 -7.42 16.43 27.84
N LEU B 211 -6.67 15.39 27.49
CA LEU B 211 -6.41 15.09 26.09
C LEU B 211 -7.16 13.81 25.76
N ASP B 212 -8.20 13.90 24.91
CA ASP B 212 -9.01 12.72 24.58
C ASP B 212 -8.66 12.30 23.17
N ALA B 213 -8.06 11.12 23.02
CA ALA B 213 -7.52 10.70 21.72
C ALA B 213 -8.58 10.43 20.66
N ILE B 214 -9.84 10.32 21.09
CA ILE B 214 -10.96 10.06 20.17
C ILE B 214 -11.22 11.27 19.28
N TYR B 215 -11.60 11.06 18.02
CA TYR B 215 -11.82 12.19 17.11
C TYR B 215 -13.15 12.16 16.37
N ASP B 216 -13.81 11.00 16.32
CA ASP B 216 -15.03 10.88 15.53
C ASP B 216 -16.00 9.80 16.04
N PRO B 217 -17.19 10.22 16.51
CA PRO B 217 -17.59 11.63 16.51
C PRO B 217 -16.96 12.45 17.63
N TRP B 218 -17.07 13.76 17.49
CA TRP B 218 -16.61 14.69 18.51
C TRP B 218 -17.76 15.66 18.74
N PRO B 219 -18.03 16.03 19.99
CA PRO B 219 -17.29 15.71 21.24
C PRO B 219 -17.71 14.39 21.85
N THR B 220 -16.86 13.83 22.72
CA THR B 220 -17.20 12.63 23.46
C THR B 220 -17.91 13.04 24.76
N PRO B 221 -18.60 12.09 25.41
CA PRO B 221 -19.23 12.38 26.70
C PRO B 221 -18.21 12.86 27.74
N LEU B 222 -17.03 12.26 27.76
CA LEU B 222 -15.99 12.66 28.71
C LEU B 222 -15.58 14.11 28.48
N ALA B 223 -15.43 14.48 27.22
CA ALA B 223 -15.03 15.84 26.85
C ALA B 223 -16.04 16.87 27.34
N ALA B 224 -17.32 16.58 27.15
CA ALA B 224 -18.38 17.45 27.64
C ALA B 224 -18.36 17.56 29.16
N ALA B 225 -18.12 16.44 29.85
CA ALA B 225 -18.08 16.46 31.31
C ALA B 225 -16.94 17.35 31.82
N VAL B 226 -15.74 17.13 31.28
CA VAL B 226 -14.59 17.92 31.69
C VAL B 226 -14.79 19.37 31.29
N GLY B 227 -15.27 19.60 30.06
CA GLY B 227 -15.46 20.95 29.58
C GLY B 227 -16.41 21.77 30.45
N SER B 228 -17.50 21.14 30.87
CA SER B 228 -18.46 21.84 31.71
C SER B 228 -17.89 22.15 33.09
N ALA B 229 -17.00 21.30 33.59
CA ALA B 229 -16.40 21.52 34.91
C ALA B 229 -15.31 22.59 34.88
N GLY B 230 -14.93 23.01 33.66
CA GLY B 230 -13.96 24.07 33.52
C GLY B 230 -12.58 23.63 33.06
N GLY B 231 -12.39 22.33 32.85
CA GLY B 231 -11.11 21.82 32.39
C GLY B 231 -10.79 22.22 30.97
N ARG B 232 -9.51 22.33 30.66
CA ARG B 232 -9.08 22.53 29.27
C ARG B 232 -9.15 21.19 28.54
N VAL B 233 -9.98 21.14 27.49
CA VAL B 233 -10.21 19.92 26.74
C VAL B 233 -9.54 19.99 25.39
N ILE B 234 -8.67 19.02 25.11
CA ILE B 234 -7.95 18.93 23.85
C ILE B 234 -8.44 17.70 23.12
N SER B 235 -8.89 17.88 21.87
CA SER B 235 -9.55 16.81 21.12
C SER B 235 -8.57 15.90 20.38
N GLY B 236 -9.07 14.74 19.95
CA GLY B 236 -8.25 13.85 19.13
C GLY B 236 -7.92 14.50 17.81
N LEU B 237 -8.78 15.43 17.37
CA LEU B 237 -8.51 16.21 16.16
C LEU B 237 -7.28 17.09 16.33
N GLN B 238 -7.12 17.68 17.50
CA GLN B 238 -5.93 18.49 17.77
C GLN B 238 -4.67 17.61 17.84
N MET B 239 -4.81 16.40 18.36
CA MET B 239 -3.70 15.45 18.36
C MET B 239 -3.35 15.07 16.92
N LEU B 240 -4.37 14.87 16.08
CA LEU B 240 -4.15 14.57 14.66
C LEU B 240 -3.39 15.71 13.96
N LEU B 241 -3.80 16.95 14.25
CA LEU B 241 -3.14 18.12 13.69
C LEU B 241 -1.65 18.15 14.06
N HIS B 242 -1.33 17.95 15.34
CA HIS B 242 0.06 18.04 15.77
C HIS B 242 0.93 16.88 15.28
N GLN B 243 0.36 15.68 15.17
CA GLN B 243 1.14 14.57 14.63
C GLN B 243 1.38 14.82 13.13
N ALA B 244 0.41 15.46 12.49
CA ALA B 244 0.53 15.78 11.05
C ALA B 244 1.60 16.84 10.78
N PHE B 245 1.80 17.79 11.69
CA PHE B 245 2.88 18.76 11.53
C PHE B 245 4.20 18.04 11.35
N ALA B 246 4.47 17.06 12.20
CA ALA B 246 5.72 16.31 12.16
C ALA B 246 5.84 15.48 10.89
N GLN B 247 4.73 14.89 10.45
CA GLN B 247 4.75 14.13 9.20
C GLN B 247 5.03 15.02 8.00
N VAL B 248 4.40 16.19 7.95
CA VAL B 248 4.61 17.11 6.82
C VAL B 248 6.09 17.48 6.76
N GLU B 249 6.70 17.72 7.92
CA GLU B 249 8.12 18.07 7.92
C GLU B 249 9.01 16.93 7.44
N GLN B 250 8.67 15.70 7.81
CA GLN B 250 9.44 14.56 7.35
C GLN B 250 9.26 14.26 5.86
N PHE B 251 8.08 14.56 5.34
CA PHE B 251 7.79 14.26 3.93
C PHE B 251 8.34 15.34 3.01
N THR B 252 8.33 16.59 3.49
CA THR B 252 8.64 17.72 2.60
C THR B 252 10.03 18.33 2.82
N GLY B 253 10.59 18.16 4.00
CA GLY B 253 11.81 18.88 4.34
C GLY B 253 11.61 20.37 4.61
N LEU B 254 10.35 20.78 4.75
CA LEU B 254 9.97 22.17 5.02
C LEU B 254 9.22 22.25 6.35
N PRO B 255 9.18 23.44 6.97
CA PRO B 255 8.46 23.57 8.25
C PRO B 255 6.96 23.41 8.01
N ALA B 256 6.27 22.79 8.94
CA ALA B 256 4.81 22.66 8.83
C ALA B 256 4.16 24.04 8.78
N PRO B 257 3.27 24.25 7.78
CA PRO B 257 2.49 25.50 7.69
C PRO B 257 1.32 25.43 8.67
N ARG B 258 1.59 25.77 9.92
CA ARG B 258 0.65 25.46 10.98
C ARG B 258 -0.69 26.20 10.84
N GLU B 259 -0.65 27.48 10.47
CA GLU B 259 -1.86 28.27 10.26
C GLU B 259 -2.76 27.64 9.20
N ALA B 260 -2.17 27.27 8.07
CA ALA B 260 -2.94 26.74 6.95
C ALA B 260 -3.57 25.41 7.31
N MET B 261 -2.80 24.56 7.99
CA MET B 261 -3.31 23.24 8.38
C MET B 261 -4.40 23.36 9.43
N THR B 262 -4.24 24.31 10.35
CA THR B 262 -5.22 24.51 11.40
C THR B 262 -6.54 24.97 10.79
N CYS B 263 -6.46 25.91 9.84
CA CYS B 263 -7.65 26.38 9.14
C CYS B 263 -8.34 25.27 8.36
N ALA B 264 -7.55 24.41 7.73
CA ALA B 264 -8.12 23.34 6.92
C ALA B 264 -8.89 22.34 7.78
N LEU B 265 -8.32 22.04 8.94
CA LEU B 265 -8.97 21.07 9.82
C LEU B 265 -10.24 21.64 10.42
N ALA B 266 -10.18 22.90 10.85
CA ALA B 266 -11.37 23.59 11.37
C ALA B 266 -12.49 23.69 10.33
N ALA B 267 -12.11 23.86 9.06
CA ALA B 267 -13.09 23.99 7.98
C ALA B 267 -13.94 22.74 7.81
N LEU B 268 -13.39 21.59 8.19
CA LEU B 268 -14.10 20.32 8.04
C LEU B 268 -15.07 20.07 9.20
N ASP B 269 -15.03 20.93 10.21
CA ASP B 269 -15.89 20.76 11.36
C ASP B 269 -17.24 21.42 11.14
O12 SKM C . -2.41 -7.75 -18.08
C8 SKM C . -2.71 -7.45 -19.44
C6 SKM C . -1.44 -7.05 -20.13
O7 SKM C . -0.71 -6.12 -19.36
C5 SKM C . -1.77 -6.45 -21.40
C4 SKM C . -2.96 -6.03 -21.80
C1 SKM C . -3.09 -5.39 -23.17
O2 SKM C . -4.22 -5.06 -23.59
O3 SKM C . -2.10 -5.23 -23.91
C10 SKM C . -4.24 -6.12 -20.91
C9 SKM C . -3.77 -6.38 -19.45
O11 SKM C . -4.90 -6.82 -18.78
BR BR D . 2.86 -1.64 -14.50
BR BR E . -21.67 5.32 -17.62
BR BR F . 12.96 1.81 -20.32
BR BR G . 27.39 -12.38 -18.74
BR BR H . -19.09 -8.29 -6.15
BR BR I . 0.99 -16.21 -31.04
S SO4 J . 13.77 -3.19 -14.73
O1 SO4 J . 14.69 -4.03 -15.52
O2 SO4 J . 14.14 -3.20 -13.31
O3 SO4 J . 13.87 -1.80 -15.21
O4 SO4 J . 12.37 -3.62 -14.90
S SO4 K . 12.14 0.02 -2.46
O1 SO4 K . 11.50 0.38 -1.20
O2 SO4 K . 11.45 -1.13 -3.04
O3 SO4 K . 12.05 1.15 -3.39
O4 SO4 K . 13.53 -0.30 -2.20
BR BR L . -5.78 9.12 9.58
S SO4 M . -7.33 -1.53 29.29
O1 SO4 M . -8.29 -2.54 28.87
O2 SO4 M . -6.09 -2.22 29.66
O3 SO4 M . -7.08 -0.61 28.20
O4 SO4 M . -7.87 -0.82 30.44
#